data_3BKC
#
_entry.id   3BKC
#
_cell.length_a   40.404
_cell.length_b   111.164
_cell.length_c   53.090
_cell.angle_alpha   90.000
_cell.angle_beta   103.780
_cell.angle_gamma   90.000
#
_symmetry.space_group_name_H-M   'P 1 21 1'
#
loop_
_entity.id
_entity.type
_entity.pdbx_description
1 polymer 'WO2 IgG2a Fab fragment Light Chain Kappa'
2 polymer 'WO2 IgG2a Fab fragment Heavy Chain'
3 non-polymer 'SODIUM ION'
4 water water
#
loop_
_entity_poly.entity_id
_entity_poly.type
_entity_poly.pdbx_seq_one_letter_code
_entity_poly.pdbx_strand_id
1 'polypeptide(L)'
;DQSPQAVSSGCLLKMKLPVRLLVLMFWIPGSSSDVLMTQTPLSLPVNLGEQASISCRSSQSIVHSNGHTYLEWYLQRPGQ
SPKLLIYQVSTRFSGVPDRFSGSGSGTDFTLRISRVEAEDLGVYYCFQASLVPLTFGAGTKLELKRADAAPTVSIFPPSS
EQLTSGGASVVCFLNNFYPKDINVKWKIDGSERQNGVLNSWTDQDSKDSTYSMSSTLTLTKDEYERHNSYTCEATHKTST
SPIVKSFNRNEC
;
L
2 'polypeptide(L)'
;EVTLKESGPGLLKPSQTLSLTCSFSGFSIRTSKVGVSWIRQPSGKGLEWLAHIYWDDDKRYNPSLESRLTISKDTSRDMV
FMKITSVDTADTATYYCARRGFYGRKYEVNHFDYWGQGTTLTVSSAKTTAPSVYPLAPVCGDTTGSSVTLGCLVKGYFPE
PVTLTWNSGSLSSGVHTFPAVLQSDLYTLSSSVTVTSSTWPSESITCNVAHPASSTKVDKKIVPRDCG
;
H
#
loop_
_chem_comp.id
_chem_comp.type
_chem_comp.name
_chem_comp.formula
NA non-polymer 'SODIUM ION' 'Na 1'
#
# COMPACT_ATOMS: atom_id res chain seq x y z
N ASP A 34 7.87 17.18 18.43
CA ASP A 34 8.46 17.16 17.05
C ASP A 34 7.55 17.68 15.92
N VAL A 35 8.12 17.88 14.74
CA VAL A 35 7.45 18.73 13.75
C VAL A 35 6.38 17.94 12.97
N LEU A 36 5.15 18.44 13.04
CA LEU A 36 4.06 17.88 12.29
C LEU A 36 4.08 18.53 10.95
N MET A 37 4.06 17.73 9.89
CA MET A 37 3.94 18.23 8.53
C MET A 37 2.55 17.90 7.99
N THR A 38 1.75 18.93 7.77
CA THR A 38 0.37 18.74 7.36
C THR A 38 0.21 19.03 5.89
N GLN A 39 -0.04 18.00 5.08
CA GLN A 39 -0.29 18.20 3.62
C GLN A 39 -1.77 18.41 3.26
N THR A 40 -2.07 19.39 2.41
CA THR A 40 -3.45 19.60 1.90
C THR A 40 -3.47 19.69 0.38
N PRO A 41 -4.37 18.95 -0.33
CA PRO A 41 -5.29 17.92 0.12
C PRO A 41 -4.59 16.56 0.21
N LEU A 42 -5.25 15.56 0.75
CA LEU A 42 -4.68 14.24 0.76
C LEU A 42 -4.92 13.48 -0.53
N SER A 43 -5.98 13.86 -1.25
CA SER A 43 -6.29 13.30 -2.55
C SER A 43 -6.48 14.45 -3.49
N LEU A 44 -5.81 14.40 -4.64
CA LEU A 44 -5.91 15.47 -5.64
C LEU A 44 -6.16 14.91 -7.05
N PRO A 45 -7.43 14.85 -7.44
CA PRO A 45 -7.82 14.51 -8.78
C PRO A 45 -7.53 15.65 -9.72
N VAL A 46 -6.87 15.36 -10.81
CA VAL A 46 -6.61 16.34 -11.85
C VAL A 46 -6.91 15.75 -13.26
N ASN A 47 -7.17 16.65 -14.20
CA ASN A 47 -7.20 16.28 -15.62
C ASN A 47 -5.79 16.41 -16.16
N LEU A 48 -5.41 15.49 -17.05
CA LEU A 48 -4.11 15.54 -17.68
C LEU A 48 -4.01 16.84 -18.44
N GLY A 49 -2.83 17.46 -18.34
CA GLY A 49 -2.52 18.70 -19.00
C GLY A 49 -2.84 19.93 -18.18
N GLU A 50 -3.39 19.78 -16.97
CA GLU A 50 -3.77 20.91 -16.13
C GLU A 50 -2.75 21.05 -14.98
N GLN A 51 -2.80 22.17 -14.28
CA GLN A 51 -1.87 22.35 -13.13
C GLN A 51 -2.36 21.73 -11.83
N ALA A 52 -1.40 21.28 -11.02
CA ALA A 52 -1.69 20.74 -9.69
C ALA A 52 -0.87 21.55 -8.69
N SER A 53 -1.45 21.79 -7.51
CA SER A 53 -0.71 22.42 -6.43
C SER A 53 -1.01 21.73 -5.10
N ILE A 54 0.03 21.53 -4.31
CA ILE A 54 -0.08 20.80 -3.06
C ILE A 54 0.53 21.65 -1.93
N SER A 55 -0.16 21.72 -0.79
CA SER A 55 0.28 22.55 0.34
C SER A 55 0.84 21.67 1.46
N CYS A 56 1.89 22.15 2.08
CA CYS A 56 2.54 21.50 3.20
C CYS A 56 2.76 22.61 4.22
N ARG A 57 2.26 22.37 5.42
CA ARG A 57 2.38 23.29 6.53
C ARG A 57 3.12 22.57 7.63
N SER A 58 4.11 23.24 8.20
CA SER A 58 4.84 22.73 9.35
C SER A 58 4.23 23.25 10.69
N SER A 59 4.33 22.44 11.73
CA SER A 59 3.82 22.83 13.06
C SER A 59 4.64 23.94 13.78
N GLN A 60 5.90 24.10 13.38
CA GLN A 60 6.78 25.18 13.84
C GLN A 60 7.71 25.57 12.73
N SER A 61 8.46 26.66 12.89
CA SER A 61 9.45 27.02 11.89
C SER A 61 10.44 25.88 11.64
N ILE A 62 10.73 25.66 10.38
CA ILE A 62 11.75 24.68 10.04
C ILE A 62 12.92 25.33 9.34
N VAL A 63 13.16 26.62 9.62
CA VAL A 63 14.45 27.23 9.31
C VAL A 63 15.49 26.67 10.31
N HIS A 64 16.58 26.08 9.79
CA HIS A 64 17.64 25.47 10.57
C HIS A 64 18.51 26.57 11.22
N SER A 65 19.28 26.19 12.23
CA SER A 65 20.22 27.08 12.93
C SER A 65 21.36 27.66 12.03
N ASN A 66 21.67 26.98 10.93
CA ASN A 66 22.56 27.51 9.90
C ASN A 66 21.83 28.44 8.93
N GLY A 67 20.55 28.69 9.18
CA GLY A 67 19.76 29.57 8.33
C GLY A 67 19.19 28.92 7.08
N HIS A 68 19.57 27.67 6.78
CA HIS A 68 18.89 26.96 5.67
C HIS A 68 17.58 26.34 6.10
N THR A 69 16.67 26.16 5.14
CA THR A 69 15.36 25.54 5.37
C THR A 69 15.35 24.22 4.62
N TYR A 70 15.45 23.10 5.33
CA TYR A 70 15.54 21.79 4.67
C TYR A 70 14.12 21.23 4.47
N LEU A 71 13.47 21.77 3.45
CA LEU A 71 12.10 21.35 3.01
C LEU A 71 12.27 20.75 1.64
N GLU A 72 11.96 19.47 1.54
CA GLU A 72 12.09 18.71 0.31
C GLU A 72 10.77 18.10 -0.08
N TRP A 73 10.62 17.82 -1.36
CA TRP A 73 9.43 17.16 -1.89
C TRP A 73 9.91 15.93 -2.62
N TYR A 74 9.23 14.80 -2.38
CA TYR A 74 9.55 13.49 -3.05
C TYR A 74 8.29 12.96 -3.75
N LEU A 75 8.48 12.25 -4.88
CA LEU A 75 7.38 11.53 -5.53
C LEU A 75 7.63 10.05 -5.41
N GLN A 76 6.61 9.29 -5.02
CA GLN A 76 6.63 7.85 -5.04
C GLN A 76 5.57 7.32 -6.02
N ARG A 77 6.05 6.81 -7.15
CA ARG A 77 5.14 6.16 -8.10
C ARG A 77 4.83 4.76 -7.60
N PRO A 78 3.72 4.17 -8.09
CA PRO A 78 3.37 2.80 -7.72
C PRO A 78 4.50 1.82 -8.03
N GLY A 79 4.84 0.98 -7.07
CA GLY A 79 5.93 0.03 -7.22
C GLY A 79 7.36 0.57 -7.35
N GLN A 80 7.58 1.81 -6.91
CA GLN A 80 8.88 2.47 -7.01
C GLN A 80 9.28 3.02 -5.63
N SER A 81 10.54 3.33 -5.51
CA SER A 81 11.06 4.03 -4.33
C SER A 81 10.77 5.50 -4.52
N PRO A 82 10.81 6.28 -3.45
CA PRO A 82 10.72 7.73 -3.57
C PRO A 82 11.86 8.38 -4.39
N LYS A 83 11.52 9.46 -5.08
CA LYS A 83 12.49 10.25 -5.78
C LYS A 83 12.37 11.72 -5.46
N LEU A 84 13.53 12.32 -5.29
CA LEU A 84 13.65 13.72 -4.99
C LEU A 84 13.21 14.59 -6.17
N LEU A 85 12.38 15.58 -5.89
CA LEU A 85 11.94 16.57 -6.86
C LEU A 85 12.58 17.91 -6.56
N ILE A 86 12.38 18.38 -5.32
CA ILE A 86 12.66 19.76 -4.89
C ILE A 86 13.42 19.69 -3.59
N TYR A 87 14.46 20.52 -3.43
CA TYR A 87 15.10 20.69 -2.12
C TYR A 87 15.33 22.14 -1.74
N GLN A 88 15.64 22.35 -0.47
CA GLN A 88 15.77 23.70 0.09
C GLN A 88 14.62 24.62 -0.33
N VAL A 89 13.39 24.12 -0.12
CA VAL A 89 12.14 24.77 -0.49
C VAL A 89 11.86 24.86 -2.00
N SER A 90 12.83 25.34 -2.76
CA SER A 90 12.55 25.79 -4.12
C SER A 90 13.60 25.44 -5.19
N THR A 91 14.58 24.58 -4.89
CA THR A 91 15.53 24.15 -5.89
C THR A 91 15.16 22.84 -6.48
N ARG A 92 15.09 22.82 -7.80
CA ARG A 92 14.76 21.62 -8.51
C ARG A 92 16.00 20.77 -8.67
N PHE A 93 15.79 19.46 -8.42
CA PHE A 93 16.86 18.50 -8.40
C PHE A 93 17.13 18.11 -9.85
N SER A 94 18.39 17.84 -10.13
CA SER A 94 18.85 17.60 -11.46
C SER A 94 18.07 16.47 -12.08
N GLY A 95 17.62 16.66 -13.31
CA GLY A 95 16.86 15.63 -14.02
C GLY A 95 15.37 15.74 -13.79
N VAL A 96 14.93 16.55 -12.84
CA VAL A 96 13.49 16.72 -12.65
C VAL A 96 12.92 17.69 -13.71
N PRO A 97 11.78 17.35 -14.33
CA PRO A 97 11.21 18.27 -15.32
C PRO A 97 10.95 19.69 -14.80
N ASP A 98 11.16 20.67 -15.69
CA ASP A 98 10.91 22.08 -15.37
C ASP A 98 9.43 22.41 -14.96
N ARG A 99 8.50 21.47 -15.22
CA ARG A 99 7.10 21.59 -14.75
C ARG A 99 6.95 21.64 -13.21
N PHE A 100 7.95 21.12 -12.50
CA PHE A 100 7.84 21.05 -11.06
C PHE A 100 8.53 22.25 -10.44
N SER A 101 7.90 22.84 -9.42
CA SER A 101 8.50 23.98 -8.73
C SER A 101 8.04 24.00 -7.28
N GLY A 102 8.85 24.58 -6.41
CA GLY A 102 8.47 24.68 -5.01
C GLY A 102 8.63 26.10 -4.54
N SER A 103 7.78 26.50 -3.59
CA SER A 103 7.87 27.79 -2.99
C SER A 103 7.45 27.72 -1.52
N GLY A 104 7.65 28.84 -0.84
CA GLY A 104 7.14 28.97 0.51
C GLY A 104 8.19 29.58 1.40
N SER A 105 7.79 29.84 2.63
CA SER A 105 8.75 30.20 3.65
C SER A 105 8.24 29.86 5.03
N GLY A 106 9.16 29.45 5.90
CA GLY A 106 8.90 29.44 7.33
C GLY A 106 8.15 28.22 7.81
N THR A 107 6.81 28.31 7.79
CA THR A 107 5.96 27.13 8.00
C THR A 107 4.97 26.81 6.84
N ASP A 108 4.98 27.57 5.75
CA ASP A 108 4.00 27.37 4.69
C ASP A 108 4.68 27.16 3.35
N PHE A 109 4.42 26.00 2.74
CA PHE A 109 5.11 25.59 1.50
C PHE A 109 4.13 25.00 0.47
N THR A 110 4.48 25.12 -0.80
CA THR A 110 3.66 24.63 -1.91
C THR A 110 4.51 24.05 -3.00
N LEU A 111 4.06 22.93 -3.53
CA LEU A 111 4.62 22.31 -4.69
C LEU A 111 3.62 22.55 -5.80
N ARG A 112 4.12 23.02 -6.94
CA ARG A 112 3.32 23.14 -8.15
C ARG A 112 3.84 22.27 -9.32
N ILE A 113 2.90 21.70 -10.06
CA ILE A 113 3.15 20.97 -11.29
C ILE A 113 2.36 21.74 -12.33
N SER A 114 3.06 22.33 -13.29
CA SER A 114 2.43 23.26 -14.22
C SER A 114 1.52 22.57 -15.22
N ARG A 115 1.79 21.29 -15.50
CA ARG A 115 1.00 20.57 -16.47
C ARG A 115 1.20 19.10 -16.15
N VAL A 116 0.16 18.45 -15.65
CA VAL A 116 0.31 17.09 -15.15
C VAL A 116 0.30 16.14 -16.29
N GLU A 117 1.24 15.23 -16.26
CA GLU A 117 1.32 14.14 -17.23
C GLU A 117 1.08 12.80 -16.53
N ALA A 118 0.74 11.76 -17.32
CA ALA A 118 0.38 10.46 -16.74
C ALA A 118 1.45 9.96 -15.80
N GLU A 119 2.71 10.18 -16.15
CA GLU A 119 3.78 9.65 -15.33
C GLU A 119 4.04 10.43 -14.02
N ASP A 120 3.31 11.50 -13.81
CA ASP A 120 3.38 12.27 -12.58
C ASP A 120 2.45 11.72 -11.50
N LEU A 121 1.55 10.84 -11.87
CA LEU A 121 0.57 10.33 -10.91
C LEU A 121 1.26 9.42 -9.91
N GLY A 122 0.85 9.55 -8.65
CA GLY A 122 1.54 8.88 -7.57
C GLY A 122 1.32 9.65 -6.30
N VAL A 123 2.14 9.38 -5.29
CA VAL A 123 2.01 10.02 -3.97
C VAL A 123 3.18 10.98 -3.79
N TYR A 124 2.86 12.22 -3.47
CA TYR A 124 3.83 13.27 -3.16
C TYR A 124 3.94 13.47 -1.63
N TYR A 125 5.17 13.58 -1.13
CA TYR A 125 5.44 13.74 0.28
C TYR A 125 6.29 14.98 0.45
N CYS A 126 5.92 15.86 1.34
CA CYS A 126 6.86 16.87 1.81
C CYS A 126 7.62 16.27 2.98
N PHE A 127 8.75 16.88 3.33
CA PHE A 127 9.67 16.31 4.32
C PHE A 127 10.52 17.44 4.85
N GLN A 128 10.65 17.52 6.17
CA GLN A 128 11.55 18.46 6.79
C GLN A 128 12.72 17.68 7.41
N ALA A 129 13.92 18.20 7.19
CA ALA A 129 15.11 17.60 7.77
C ALA A 129 15.90 18.61 8.57
N SER A 130 15.21 19.65 9.04
CA SER A 130 15.84 20.69 9.82
C SER A 130 15.94 20.35 11.33
N LEU A 131 14.98 19.56 11.82
CA LEU A 131 14.87 19.21 13.23
C LEU A 131 14.72 17.70 13.35
N VAL A 132 15.38 17.11 14.36
CA VAL A 132 15.30 15.68 14.62
C VAL A 132 14.16 15.43 15.58
N PRO A 133 13.30 14.44 15.29
CA PRO A 133 13.29 13.49 14.15
C PRO A 133 12.86 14.14 12.87
N LEU A 134 13.55 13.81 11.78
CA LEU A 134 13.14 14.28 10.47
C LEU A 134 11.74 13.66 10.23
N THR A 135 10.84 14.38 9.60
CA THR A 135 9.45 13.98 9.50
C THR A 135 8.85 14.28 8.13
N PHE A 136 8.02 13.35 7.67
CA PHE A 136 7.33 13.48 6.40
C PHE A 136 5.90 13.94 6.61
N GLY A 137 5.33 14.54 5.56
CA GLY A 137 3.90 14.62 5.47
C GLY A 137 3.26 13.26 5.24
N ALA A 138 1.93 13.23 5.35
CA ALA A 138 1.16 12.00 5.21
C ALA A 138 1.07 11.54 3.76
N GLY A 139 1.31 12.45 2.82
CA GLY A 139 1.30 12.09 1.43
C GLY A 139 0.05 12.62 0.76
N THR A 140 0.21 13.12 -0.46
CA THR A 140 -0.90 13.51 -1.32
C THR A 140 -0.96 12.59 -2.57
N LYS A 141 -2.05 11.87 -2.77
CA LYS A 141 -2.21 11.02 -3.95
C LYS A 141 -2.75 11.89 -5.09
N LEU A 142 -1.91 12.13 -6.09
CA LEU A 142 -2.30 12.78 -7.36
C LEU A 142 -2.90 11.68 -8.26
N GLU A 143 -4.15 11.85 -8.64
CA GLU A 143 -4.89 10.86 -9.45
C GLU A 143 -5.59 11.56 -10.63
N LEU A 144 -6.06 10.74 -11.54
CA LEU A 144 -6.75 11.21 -12.74
C LEU A 144 -8.24 11.45 -12.41
N LYS A 145 -8.72 12.67 -12.64
CA LYS A 145 -10.12 13.00 -12.50
C LYS A 145 -10.90 12.24 -13.59
N ARG A 146 -12.14 11.82 -13.24
CA ARG A 146 -13.07 11.21 -14.19
C ARG A 146 -14.49 11.40 -13.69
N ALA A 147 -15.47 11.02 -14.51
CA ALA A 147 -16.89 11.19 -14.14
C ALA A 147 -17.24 10.23 -12.99
N ASP A 148 -18.22 10.63 -12.18
CA ASP A 148 -18.72 9.77 -11.11
C ASP A 148 -19.22 8.46 -11.69
N ALA A 149 -18.93 7.36 -10.98
CA ALA A 149 -19.34 6.01 -11.38
C ALA A 149 -19.84 5.30 -10.15
N ALA A 150 -21.05 4.73 -10.20
CA ALA A 150 -21.57 3.96 -9.06
C ALA A 150 -20.89 2.59 -8.95
N PRO A 151 -20.62 2.10 -7.71
CA PRO A 151 -20.08 0.76 -7.56
C PRO A 151 -21.07 -0.34 -7.94
N THR A 152 -20.56 -1.43 -8.51
CA THR A 152 -21.31 -2.67 -8.73
C THR A 152 -20.96 -3.46 -7.52
N VAL A 153 -21.97 -3.79 -6.72
CA VAL A 153 -21.78 -4.46 -5.45
C VAL A 153 -22.31 -5.87 -5.50
N SER A 154 -21.46 -6.81 -5.06
CA SER A 154 -21.73 -8.22 -5.11
C SER A 154 -21.39 -8.87 -3.80
N ILE A 155 -22.35 -9.58 -3.21
CA ILE A 155 -22.16 -10.35 -1.95
C ILE A 155 -22.11 -11.90 -2.15
N PHE A 156 -21.24 -12.57 -1.41
CA PHE A 156 -20.97 -14.00 -1.59
C PHE A 156 -20.98 -14.69 -0.25
N PRO A 157 -21.93 -15.60 -0.04
CA PRO A 157 -21.89 -16.45 1.14
C PRO A 157 -20.59 -17.29 1.25
N PRO A 158 -20.27 -17.79 2.45
CA PRO A 158 -19.20 -18.76 2.53
C PRO A 158 -19.41 -19.93 1.57
N SER A 159 -18.33 -20.40 0.98
CA SER A 159 -18.42 -21.57 0.12
C SER A 159 -18.64 -22.82 0.99
N SER A 160 -19.27 -23.82 0.40
CA SER A 160 -19.48 -25.12 1.03
C SER A 160 -18.15 -25.62 1.56
N GLU A 161 -17.11 -25.45 0.75
CA GLU A 161 -15.81 -25.99 1.11
C GLU A 161 -15.21 -25.32 2.36
N GLN A 162 -15.33 -24.00 2.47
CA GLN A 162 -14.85 -23.32 3.67
C GLN A 162 -15.62 -23.72 4.92
N LEU A 163 -16.92 -23.93 4.79
CA LEU A 163 -17.73 -24.40 5.94
C LEU A 163 -17.26 -25.76 6.48
N THR A 164 -16.69 -26.61 5.66
CA THR A 164 -16.17 -27.89 6.15
C THR A 164 -14.98 -27.70 7.10
N SER A 165 -14.43 -26.47 7.10
CA SER A 165 -13.30 -26.09 7.92
C SER A 165 -13.66 -25.47 9.25
N GLY A 166 -14.89 -25.11 9.51
CA GLY A 166 -15.11 -24.35 10.76
C GLY A 166 -14.75 -22.86 10.82
N GLY A 167 -14.28 -22.28 9.71
CA GLY A 167 -14.38 -20.82 9.52
C GLY A 167 -15.42 -20.54 8.44
N ALA A 168 -15.90 -19.29 8.38
CA ALA A 168 -16.82 -18.86 7.34
C ALA A 168 -16.59 -17.37 7.04
N SER A 169 -16.30 -17.09 5.79
CA SER A 169 -16.08 -15.76 5.31
C SER A 169 -17.18 -15.38 4.37
N VAL A 170 -17.73 -14.19 4.62
CA VAL A 170 -18.68 -13.52 3.69
C VAL A 170 -17.88 -12.40 2.93
N VAL A 171 -17.98 -12.40 1.60
CA VAL A 171 -17.20 -11.50 0.75
C VAL A 171 -18.10 -10.57 0.02
N CYS A 172 -17.73 -9.31 0.00
CA CYS A 172 -18.44 -8.31 -0.75
C CYS A 172 -17.41 -7.59 -1.64
N PHE A 173 -17.68 -7.53 -2.93
CA PHE A 173 -16.90 -6.72 -3.88
C PHE A 173 -17.67 -5.47 -4.24
N LEU A 174 -16.95 -4.34 -4.26
CA LEU A 174 -17.47 -3.08 -4.62
C LEU A 174 -16.61 -2.58 -5.78
N ASN A 175 -17.10 -2.80 -7.00
CA ASN A 175 -16.25 -2.63 -8.16
C ASN A 175 -16.56 -1.43 -9.03
N ASN A 176 -15.49 -0.90 -9.64
CA ASN A 176 -15.53 0.15 -10.67
C ASN A 176 -16.30 1.37 -10.27
N PHE A 177 -15.91 1.93 -9.12
CA PHE A 177 -16.51 3.19 -8.66
C PHE A 177 -15.59 4.41 -8.68
N TYR A 178 -16.22 5.57 -8.67
CA TYR A 178 -15.50 6.85 -8.65
C TYR A 178 -16.49 7.93 -8.20
N PRO A 179 -16.08 8.81 -7.27
CA PRO A 179 -14.76 8.92 -6.67
C PRO A 179 -14.37 7.80 -5.72
N LYS A 180 -13.17 7.87 -5.15
CA LYS A 180 -12.68 6.84 -4.28
C LYS A 180 -13.38 6.79 -2.93
N ASP A 181 -13.94 7.92 -2.49
CA ASP A 181 -14.62 7.99 -1.21
C ASP A 181 -15.84 7.04 -1.19
N ILE A 182 -15.80 6.11 -0.24
CA ILE A 182 -16.86 5.14 -0.06
C ILE A 182 -16.86 4.59 1.38
N ASN A 183 -18.04 4.22 1.88
CA ASN A 183 -18.16 3.53 3.14
C ASN A 183 -18.83 2.19 2.90
N VAL A 184 -18.27 1.15 3.52
CA VAL A 184 -18.84 -0.14 3.52
C VAL A 184 -19.18 -0.57 4.94
N LYS A 185 -20.39 -1.06 5.11
CA LYS A 185 -20.92 -1.53 6.40
C LYS A 185 -21.38 -2.96 6.25
N TRP A 186 -21.01 -3.82 7.21
CA TRP A 186 -21.55 -5.17 7.31
C TRP A 186 -22.67 -5.17 8.38
N LYS A 187 -23.78 -5.85 8.08
CA LYS A 187 -24.85 -6.07 9.05
C LYS A 187 -25.16 -7.54 9.17
N ILE A 188 -25.16 -8.03 10.40
CA ILE A 188 -25.54 -9.41 10.66
C ILE A 188 -26.84 -9.37 11.50
N ASP A 189 -27.84 -10.08 11.03
CA ASP A 189 -29.18 -10.01 11.63
C ASP A 189 -29.60 -8.57 11.86
N GLY A 190 -29.31 -7.73 10.87
CA GLY A 190 -29.70 -6.31 10.89
C GLY A 190 -28.90 -5.36 11.78
N SER A 191 -27.88 -5.86 12.48
CA SER A 191 -27.04 -5.05 13.35
C SER A 191 -25.65 -4.95 12.73
N GLU A 192 -25.06 -3.76 12.79
CA GLU A 192 -23.73 -3.50 12.26
C GLU A 192 -22.68 -4.31 13.00
N ARG A 193 -21.76 -4.93 12.23
CA ARG A 193 -20.62 -5.69 12.76
C ARG A 193 -19.33 -5.03 12.25
N GLN A 194 -18.43 -4.69 13.17
CA GLN A 194 -17.17 -3.97 12.82
C GLN A 194 -15.90 -4.83 13.05
N ASN A 195 -15.98 -5.89 13.88
CA ASN A 195 -14.87 -6.86 14.03
C ASN A 195 -15.07 -8.07 13.11
N GLY A 196 -13.94 -8.68 12.75
CA GLY A 196 -13.81 -9.79 11.76
C GLY A 196 -13.52 -9.39 10.30
N VAL A 197 -13.11 -8.14 10.05
CA VAL A 197 -13.17 -7.54 8.70
C VAL A 197 -11.77 -7.28 8.07
N LEU A 198 -11.60 -7.70 6.81
CA LEU A 198 -10.36 -7.47 6.04
C LEU A 198 -10.76 -6.74 4.77
N ASN A 199 -10.34 -5.47 4.62
CA ASN A 199 -10.60 -4.74 3.41
C ASN A 199 -9.35 -4.59 2.58
N SER A 200 -9.53 -4.66 1.26
CA SER A 200 -8.42 -4.43 0.36
C SER A 200 -8.92 -3.66 -0.85
N TRP A 201 -8.04 -2.84 -1.44
CA TRP A 201 -8.39 -1.88 -2.51
C TRP A 201 -7.39 -2.00 -3.63
N THR A 202 -7.85 -1.76 -4.85
CA THR A 202 -6.95 -1.63 -5.98
C THR A 202 -6.66 -0.15 -6.22
N ASP A 203 -5.67 0.14 -7.06
CA ASP A 203 -5.39 1.52 -7.46
C ASP A 203 -6.28 1.83 -8.64
N GLN A 204 -6.25 3.09 -9.07
CA GLN A 204 -6.98 3.52 -10.21
C GLN A 204 -6.79 2.60 -11.44
N ASP A 205 -7.88 2.17 -12.04
CA ASP A 205 -7.83 1.16 -13.10
C ASP A 205 -7.21 1.73 -14.39
N SER A 206 -6.44 0.91 -15.08
CA SER A 206 -5.81 1.32 -16.35
C SER A 206 -6.78 1.43 -17.51
N LYS A 207 -7.92 0.72 -17.47
CA LYS A 207 -8.89 0.84 -18.56
C LYS A 207 -9.93 1.94 -18.33
N ASP A 208 -10.35 2.17 -17.10
CA ASP A 208 -11.45 3.07 -16.91
C ASP A 208 -11.26 4.07 -15.77
N SER A 209 -10.11 4.03 -15.13
CA SER A 209 -9.73 5.02 -14.10
C SER A 209 -10.61 4.99 -12.86
N THR A 210 -11.30 3.89 -12.64
CA THR A 210 -12.14 3.74 -11.42
C THR A 210 -11.29 2.96 -10.35
N TYR A 211 -11.86 2.88 -9.16
CA TYR A 211 -11.35 2.08 -8.06
C TYR A 211 -12.27 0.88 -7.79
N SER A 212 -11.71 -0.14 -7.15
CA SER A 212 -12.49 -1.28 -6.67
C SER A 212 -12.03 -1.62 -5.27
N MET A 213 -12.87 -2.34 -4.53
CA MET A 213 -12.62 -2.66 -3.16
C MET A 213 -13.21 -4.02 -2.85
N SER A 214 -12.50 -4.79 -2.01
CA SER A 214 -13.00 -6.06 -1.46
C SER A 214 -13.05 -5.97 0.06
N SER A 215 -14.17 -6.41 0.64
CA SER A 215 -14.31 -6.55 2.09
C SER A 215 -14.73 -7.99 2.45
N THR A 216 -13.97 -8.60 3.33
CA THR A 216 -14.24 -9.95 3.80
C THR A 216 -14.51 -9.96 5.29
N LEU A 217 -15.71 -10.41 5.64
CA LEU A 217 -16.10 -10.61 7.03
C LEU A 217 -15.96 -12.10 7.42
N THR A 218 -15.06 -12.44 8.35
CA THR A 218 -14.78 -13.82 8.74
C THR A 218 -15.30 -14.12 10.16
N LEU A 219 -16.15 -15.14 10.23
CA LEU A 219 -16.68 -15.64 11.50
C LEU A 219 -16.24 -17.10 11.69
N THR A 220 -16.47 -17.67 12.88
CA THR A 220 -16.43 -19.14 13.01
C THR A 220 -17.64 -19.72 12.28
N LYS A 221 -17.54 -20.99 11.87
CA LYS A 221 -18.68 -21.68 11.29
C LYS A 221 -19.85 -21.71 12.25
N ASP A 222 -19.59 -21.96 13.53
CA ASP A 222 -20.71 -21.98 14.50
C ASP A 222 -21.43 -20.64 14.58
N GLU A 223 -20.67 -19.56 14.68
CA GLU A 223 -21.25 -18.19 14.69
C GLU A 223 -21.98 -17.81 13.40
N TYR A 224 -21.40 -18.13 12.24
CA TYR A 224 -22.09 -17.99 10.96
C TYR A 224 -23.46 -18.67 10.98
N GLU A 225 -23.49 -19.89 11.49
CA GLU A 225 -24.74 -20.69 11.50
C GLU A 225 -25.73 -20.38 12.63
N ARG A 226 -25.32 -19.53 13.56
CA ARG A 226 -26.16 -18.98 14.62
C ARG A 226 -26.84 -17.70 14.18
N HIS A 227 -26.57 -17.24 12.96
CA HIS A 227 -27.15 -16.00 12.48
C HIS A 227 -27.70 -16.24 11.08
N ASN A 228 -28.57 -15.35 10.60
CA ASN A 228 -29.38 -15.64 9.44
C ASN A 228 -29.35 -14.63 8.32
N SER A 229 -29.31 -13.33 8.60
CA SER A 229 -29.20 -12.37 7.49
C SER A 229 -27.80 -11.73 7.50
N TYR A 230 -27.29 -11.55 6.29
CA TYR A 230 -25.93 -11.03 6.06
C TYR A 230 -26.02 -9.98 4.94
N THR A 231 -25.55 -8.77 5.23
CA THR A 231 -25.75 -7.61 4.39
C THR A 231 -24.42 -6.83 4.29
N CYS A 232 -24.07 -6.48 3.05
CA CYS A 232 -23.02 -5.50 2.69
C CYS A 232 -23.74 -4.26 2.16
N GLU A 233 -23.50 -3.10 2.80
CA GLU A 233 -24.15 -1.82 2.48
C GLU A 233 -23.08 -0.83 2.09
N ALA A 234 -23.19 -0.24 0.90
CA ALA A 234 -22.20 0.73 0.41
C ALA A 234 -22.82 2.12 0.34
N THR A 235 -22.13 3.10 0.91
CA THR A 235 -22.50 4.52 0.81
C THR A 235 -21.53 5.24 -0.10
N HIS A 236 -22.06 5.89 -1.11
CA HIS A 236 -21.25 6.49 -2.17
C HIS A 236 -22.03 7.65 -2.73
N LYS A 237 -21.34 8.72 -3.12
CA LYS A 237 -22.03 9.95 -3.53
C LYS A 237 -22.95 9.75 -4.73
N THR A 238 -22.80 8.65 -5.46
CA THR A 238 -23.64 8.39 -6.62
C THR A 238 -25.09 7.97 -6.31
N SER A 239 -25.45 7.86 -5.03
CA SER A 239 -26.80 7.49 -4.65
C SER A 239 -27.13 8.12 -3.30
N THR A 240 -28.31 8.74 -3.17
CA THR A 240 -28.77 9.25 -1.87
C THR A 240 -28.96 8.12 -0.86
N SER A 241 -29.43 6.96 -1.35
CA SER A 241 -29.60 5.78 -0.51
C SER A 241 -28.40 4.82 -0.57
N PRO A 242 -28.07 4.13 0.53
CA PRO A 242 -27.02 3.07 0.43
C PRO A 242 -27.37 1.96 -0.58
N ILE A 243 -26.38 1.33 -1.18
CA ILE A 243 -26.59 0.13 -2.00
C ILE A 243 -26.49 -1.05 -1.02
N VAL A 244 -27.51 -1.90 -1.01
CA VAL A 244 -27.67 -2.97 -0.02
C VAL A 244 -27.69 -4.28 -0.79
N LYS A 245 -26.72 -5.15 -0.52
CA LYS A 245 -26.79 -6.51 -1.02
C LYS A 245 -26.83 -7.43 0.20
N SER A 246 -27.82 -8.33 0.25
CA SER A 246 -28.10 -9.16 1.42
C SER A 246 -28.46 -10.56 1.00
N PHE A 247 -28.29 -11.51 1.90
CA PHE A 247 -28.84 -12.86 1.70
C PHE A 247 -29.29 -13.41 3.05
N ASN A 248 -30.20 -14.37 3.02
CA ASN A 248 -30.53 -15.13 4.21
C ASN A 248 -29.92 -16.52 4.06
N ARG A 249 -29.13 -16.90 5.07
CA ARG A 249 -28.42 -18.18 5.12
C ARG A 249 -29.33 -19.38 4.85
N ASN A 250 -30.55 -19.30 5.29
CA ASN A 250 -31.49 -20.39 5.13
C ASN A 250 -32.02 -20.57 3.71
N GLU A 251 -31.77 -19.62 2.80
CA GLU A 251 -32.45 -19.63 1.51
C GLU A 251 -31.63 -20.30 0.39
N VAL B 2 25.66 5.97 -9.51
CA VAL B 2 25.41 5.74 -8.05
C VAL B 2 24.27 4.72 -7.86
N THR B 3 24.51 3.66 -7.09
CA THR B 3 23.47 2.70 -6.69
C THR B 3 23.51 2.38 -5.18
N LEU B 4 22.33 2.13 -4.61
CA LEU B 4 22.17 1.72 -3.21
C LEU B 4 21.35 0.43 -3.27
N LYS B 5 21.79 -0.59 -2.53
CA LYS B 5 21.06 -1.84 -2.46
C LYS B 5 20.91 -2.33 -1.03
N GLU B 6 19.68 -2.44 -0.56
CA GLU B 6 19.35 -2.97 0.77
C GLU B 6 19.23 -4.49 0.76
N SER B 7 19.73 -5.15 1.78
CA SER B 7 19.50 -6.57 1.96
C SER B 7 19.08 -6.81 3.37
N GLY B 8 18.33 -7.88 3.54
CA GLY B 8 17.78 -8.23 4.84
C GLY B 8 17.29 -9.67 4.84
N PRO B 9 16.67 -10.10 5.95
CA PRO B 9 16.24 -11.47 6.14
C PRO B 9 14.95 -11.86 5.39
N GLY B 10 14.17 -10.84 5.00
CA GLY B 10 12.86 -11.01 4.42
C GLY B 10 11.72 -11.29 5.39
N LEU B 11 11.92 -12.32 6.21
CA LEU B 11 10.95 -12.76 7.19
C LEU B 11 11.64 -12.96 8.51
N LEU B 12 10.99 -12.54 9.56
CA LEU B 12 11.39 -12.88 10.91
C LEU B 12 10.18 -13.24 11.73
N LYS B 13 10.42 -14.01 12.78
CA LYS B 13 9.47 -14.22 13.85
C LYS B 13 9.52 -13.07 14.88
N PRO B 14 8.42 -12.81 15.58
CA PRO B 14 8.49 -11.80 16.66
C PRO B 14 9.55 -12.13 17.70
N SER B 15 10.16 -11.07 18.22
CA SER B 15 11.30 -11.09 19.17
C SER B 15 12.68 -11.22 18.52
N GLN B 16 12.77 -11.66 17.26
CA GLN B 16 14.06 -11.75 16.58
C GLN B 16 14.68 -10.36 16.29
N THR B 17 15.97 -10.36 15.99
CA THR B 17 16.71 -9.14 15.68
C THR B 17 16.72 -8.99 14.17
N LEU B 18 16.33 -7.81 13.71
CA LEU B 18 16.50 -7.39 12.30
C LEU B 18 17.89 -6.82 12.07
N SER B 19 18.60 -7.43 11.14
CA SER B 19 19.86 -6.86 10.61
C SER B 19 19.73 -6.51 9.16
N LEU B 20 19.80 -5.21 8.88
CA LEU B 20 19.82 -4.70 7.51
C LEU B 20 21.17 -4.21 7.08
N THR B 21 21.49 -4.42 5.80
CA THR B 21 22.68 -3.83 5.14
C THR B 21 22.32 -3.00 3.92
N CYS B 22 22.96 -1.83 3.79
CA CYS B 22 22.93 -1.05 2.58
C CYS B 22 24.33 -0.99 1.95
N SER B 23 24.44 -1.54 0.75
CA SER B 23 25.66 -1.58 -0.06
C SER B 23 25.63 -0.49 -1.13
N PHE B 24 26.65 0.37 -1.13
CA PHE B 24 26.76 1.50 -2.08
C PHE B 24 27.79 1.23 -3.20
N SER B 25 27.52 1.78 -4.37
CA SER B 25 28.47 1.72 -5.47
C SER B 25 28.34 2.90 -6.40
N GLY B 26 29.34 3.02 -7.30
CA GLY B 26 29.46 4.14 -8.20
C GLY B 26 29.96 5.38 -7.52
N PHE B 27 30.25 5.28 -6.22
CA PHE B 27 30.85 6.37 -5.48
C PHE B 27 31.32 5.84 -4.14
N SER B 28 32.16 6.63 -3.47
CA SER B 28 32.81 6.28 -2.20
C SER B 28 32.24 6.98 -0.98
N ILE B 29 31.77 6.20 -0.01
CA ILE B 29 31.30 6.77 1.26
C ILE B 29 32.35 7.71 1.90
N ARG B 30 33.60 7.25 1.89
CA ARG B 30 34.71 7.96 2.52
C ARG B 30 35.05 9.28 1.84
N THR B 31 35.13 9.23 0.52
CA THR B 31 35.55 10.37 -0.26
C THR B 31 34.45 11.38 -0.32
N SER B 32 33.21 10.91 -0.47
CA SER B 32 32.10 11.82 -0.73
C SER B 32 31.63 12.52 0.52
N LYS B 33 31.84 11.85 1.65
CA LYS B 33 31.44 12.27 2.99
C LYS B 33 29.92 12.43 3.14
N VAL B 34 29.18 11.66 2.35
CA VAL B 34 27.74 11.73 2.44
C VAL B 34 27.23 11.07 3.74
N GLY B 35 26.13 11.60 4.28
CA GLY B 35 25.34 10.89 5.29
C GLY B 35 24.40 9.88 4.68
N VAL B 36 23.93 8.96 5.51
CA VAL B 36 23.04 7.90 5.04
C VAL B 36 21.96 7.72 6.11
N SER B 37 20.71 7.65 5.67
CA SER B 37 19.57 7.37 6.55
C SER B 37 18.86 6.10 6.18
N TRP B 38 18.17 5.55 7.21
CA TRP B 38 17.24 4.46 7.02
C TRP B 38 15.84 5.05 7.27
N ILE B 39 14.94 4.65 6.37
CA ILE B 39 13.59 5.15 6.30
C ILE B 39 12.70 3.91 6.06
N ARG B 40 11.53 3.81 6.70
CA ARG B 40 10.68 2.67 6.37
C ARG B 40 9.26 3.11 6.01
N GLN B 41 8.54 2.18 5.38
CA GLN B 41 7.19 2.40 4.95
C GLN B 41 6.37 1.12 5.25
N PRO B 42 5.56 1.13 6.33
CA PRO B 42 4.54 0.06 6.53
C PRO B 42 3.61 -0.09 5.35
N SER B 43 3.14 -1.32 5.08
CA SER B 43 2.33 -1.55 3.85
C SER B 43 1.13 -0.62 3.81
N GLY B 44 0.88 -0.01 2.65
CA GLY B 44 -0.17 1.01 2.51
C GLY B 44 -0.11 2.18 3.48
N LYS B 45 1.09 2.55 3.98
CA LYS B 45 1.20 3.71 4.87
C LYS B 45 2.29 4.58 4.29
N GLY B 46 2.56 5.69 4.95
CA GLY B 46 3.56 6.64 4.46
C GLY B 46 4.94 6.34 5.02
N LEU B 47 5.84 7.30 4.91
CA LEU B 47 7.25 7.12 5.23
C LEU B 47 7.60 7.65 6.65
N GLU B 48 8.46 6.89 7.35
CA GLU B 48 8.92 7.16 8.70
C GLU B 48 10.45 7.12 8.74
N TRP B 49 11.07 8.25 9.12
CA TRP B 49 12.50 8.29 9.30
C TRP B 49 12.94 7.55 10.60
N LEU B 50 13.99 6.78 10.48
CA LEU B 50 14.48 5.92 11.58
C LEU B 50 15.78 6.42 12.21
N ALA B 51 16.81 6.59 11.40
CA ALA B 51 18.17 6.88 11.86
C ALA B 51 19.05 7.41 10.73
N HIS B 52 20.06 8.18 11.13
CA HIS B 52 21.03 8.78 10.24
C HIS B 52 22.43 8.61 10.78
N ILE B 53 23.39 8.30 9.91
CA ILE B 53 24.79 8.26 10.27
C ILE B 53 25.61 9.20 9.34
N TYR B 54 26.41 10.05 9.96
CA TYR B 54 27.30 10.93 9.21
C TYR B 54 28.65 10.30 8.94
N TRP B 55 29.42 10.94 8.03
CA TRP B 55 30.67 10.36 7.56
C TRP B 55 31.64 10.09 8.74
N ASP B 56 31.57 10.93 9.79
CA ASP B 56 32.47 10.81 10.97
C ASP B 56 31.91 9.84 12.04
N ASP B 57 30.86 9.07 11.71
CA ASP B 57 30.20 8.14 12.66
C ASP B 57 29.25 8.78 13.66
N ASP B 58 29.11 10.12 13.66
CA ASP B 58 28.03 10.76 14.42
C ASP B 58 26.69 10.18 13.96
N LYS B 59 25.77 10.05 14.89
CA LYS B 59 24.47 9.33 14.66
C LYS B 59 23.34 10.11 15.24
N ARG B 60 22.18 10.07 14.56
CA ARG B 60 20.93 10.56 15.14
C ARG B 60 19.85 9.49 14.95
N TYR B 61 18.90 9.50 15.89
CA TYR B 61 17.85 8.49 15.93
C TYR B 61 16.46 9.12 16.06
N ASN B 62 15.44 8.47 15.49
CA ASN B 62 14.04 8.77 15.83
C ASN B 62 13.80 8.41 17.31
N PRO B 63 13.48 9.40 18.18
CA PRO B 63 13.38 9.14 19.64
C PRO B 63 12.46 8.01 20.04
N SER B 64 11.39 7.80 19.30
CA SER B 64 10.45 6.77 19.67
C SER B 64 10.95 5.34 19.48
N LEU B 65 11.94 5.12 18.61
CA LEU B 65 12.51 3.79 18.38
C LEU B 65 13.98 3.68 18.80
N GLU B 66 14.54 4.78 19.28
CA GLU B 66 15.94 4.85 19.61
C GLU B 66 16.44 3.69 20.45
N SER B 67 15.71 3.28 21.51
CA SER B 67 16.22 2.19 22.37
C SER B 67 16.40 0.87 21.64
N ARG B 68 15.68 0.70 20.53
CA ARG B 68 15.73 -0.54 19.77
C ARG B 68 16.59 -0.48 18.54
N LEU B 69 17.08 0.71 18.20
CA LEU B 69 17.82 0.92 16.94
C LEU B 69 19.30 1.06 17.19
N THR B 70 20.08 0.43 16.31
CA THR B 70 21.53 0.75 16.20
C THR B 70 21.89 0.95 14.73
N ILE B 71 22.37 2.14 14.37
CA ILE B 71 22.94 2.39 13.02
C ILE B 71 24.48 2.32 13.10
N SER B 72 25.10 1.69 12.09
CA SER B 72 26.53 1.73 11.99
C SER B 72 26.98 1.68 10.54
N LYS B 73 28.28 1.64 10.36
CA LYS B 73 28.81 1.54 9.04
C LYS B 73 30.18 0.89 8.97
N ASP B 74 30.55 0.52 7.76
CA ASP B 74 31.90 0.06 7.46
C ASP B 74 32.33 0.77 6.19
N THR B 75 33.00 1.90 6.41
CA THR B 75 33.41 2.78 5.34
C THR B 75 34.32 2.05 4.36
N SER B 76 35.20 1.16 4.85
CA SER B 76 36.03 0.32 3.96
C SER B 76 35.25 -0.64 3.02
N ARG B 77 34.07 -1.15 3.45
CA ARG B 77 33.20 -2.01 2.61
C ARG B 77 32.10 -1.24 1.86
N ASP B 78 32.02 0.07 2.10
CA ASP B 78 31.07 0.97 1.42
C ASP B 78 29.67 0.50 1.81
N MET B 79 29.48 0.18 3.10
CA MET B 79 28.21 -0.35 3.63
C MET B 79 27.76 0.42 4.89
N VAL B 80 26.45 0.57 5.05
CA VAL B 80 25.83 1.09 6.26
C VAL B 80 24.89 0.00 6.75
N PHE B 81 24.72 -0.10 8.04
CA PHE B 81 23.94 -1.16 8.64
C PHE B 81 22.89 -0.57 9.53
N MET B 82 21.84 -1.34 9.75
CA MET B 82 20.84 -1.01 10.76
C MET B 82 20.43 -2.28 11.49
N LYS B 83 20.35 -2.22 12.81
CA LYS B 83 19.82 -3.33 13.58
C LYS B 83 18.59 -2.85 14.35
N ILE B 84 17.54 -3.66 14.43
CA ILE B 84 16.36 -3.36 15.24
C ILE B 84 16.09 -4.59 16.08
N THR B 85 16.13 -4.44 17.39
CA THR B 85 15.92 -5.59 18.29
C THR B 85 14.42 -5.84 18.49
N SER B 86 14.09 -7.07 18.88
CA SER B 86 12.74 -7.55 19.23
C SER B 86 11.62 -7.04 18.36
N VAL B 87 11.64 -7.49 17.12
CA VAL B 87 10.70 -7.02 16.16
C VAL B 87 9.33 -7.58 16.51
N ASP B 88 8.31 -6.84 16.16
CA ASP B 88 6.96 -7.39 16.23
C ASP B 88 6.21 -6.98 14.98
N THR B 89 4.93 -7.33 14.95
CA THR B 89 4.05 -7.08 13.84
C THR B 89 4.16 -5.65 13.27
N ALA B 90 4.28 -4.63 14.11
CA ALA B 90 4.34 -3.24 13.64
C ALA B 90 5.61 -2.92 12.82
N ASP B 91 6.60 -3.81 12.84
CA ASP B 91 7.81 -3.56 12.09
C ASP B 91 7.78 -4.06 10.65
N THR B 92 6.68 -4.70 10.25
CA THR B 92 6.48 -5.22 8.87
C THR B 92 6.43 -3.99 7.97
N ALA B 93 7.35 -3.91 7.03
CA ALA B 93 7.56 -2.67 6.26
C ALA B 93 8.57 -2.88 5.16
N THR B 94 8.60 -1.94 4.21
CA THR B 94 9.70 -1.80 3.31
C THR B 94 10.71 -0.89 4.00
N TYR B 95 11.96 -1.35 4.06
CA TYR B 95 13.06 -0.53 4.58
C TYR B 95 13.93 -0.01 3.43
N TYR B 96 14.08 1.32 3.40
CA TYR B 96 14.90 2.03 2.41
C TYR B 96 16.17 2.60 3.05
N CYS B 97 17.27 2.45 2.30
CA CYS B 97 18.50 3.21 2.48
C CYS B 97 18.44 4.44 1.59
N ALA B 98 18.79 5.62 2.11
CA ALA B 98 18.82 6.88 1.33
C ALA B 98 20.09 7.67 1.63
N ARG B 99 20.80 8.05 0.57
CA ARG B 99 22.00 8.85 0.68
C ARG B 99 21.64 10.31 0.81
N ARG B 100 22.31 11.01 1.70
CA ARG B 100 22.12 12.44 1.79
C ARG B 100 23.25 13.15 0.99
N GLY B 101 23.06 13.26 -0.31
CA GLY B 101 24.07 13.84 -1.18
C GLY B 101 23.99 15.34 -1.20
N PHE B 102 24.91 15.94 -1.94
CA PHE B 102 25.00 17.39 -2.09
C PHE B 102 25.85 17.70 -3.31
N TYR B 103 25.82 18.93 -3.83
CA TYR B 103 26.67 19.23 -5.00
C TYR B 103 28.03 19.80 -4.61
N GLY B 104 29.06 19.22 -5.23
CA GLY B 104 30.45 19.61 -5.07
C GLY B 104 30.86 19.73 -3.63
N ARG B 105 30.91 20.97 -3.18
CA ARG B 105 31.55 21.34 -1.92
C ARG B 105 30.53 21.86 -0.87
N LYS B 106 29.27 22.03 -1.29
CA LYS B 106 28.28 22.71 -0.47
C LYS B 106 27.60 21.69 0.45
N TYR B 107 28.36 21.19 1.43
CA TYR B 107 27.87 20.11 2.27
C TYR B 107 26.63 20.47 3.08
N GLU B 108 26.37 21.76 3.30
CA GLU B 108 25.16 22.23 3.96
C GLU B 108 23.86 22.19 3.07
N VAL B 109 24.02 22.01 1.76
CA VAL B 109 22.93 21.97 0.79
C VAL B 109 22.76 20.51 0.40
N ASN B 110 22.13 19.77 1.31
CA ASN B 110 22.13 18.31 1.25
C ASN B 110 20.68 17.83 1.20
N HIS B 111 20.44 16.62 0.72
CA HIS B 111 19.06 16.16 0.41
C HIS B 111 19.13 14.67 0.04
N PHE B 112 18.03 13.95 0.00
CA PHE B 112 18.09 12.51 -0.24
C PHE B 112 18.01 12.28 -1.74
N ASP B 113 19.17 12.37 -2.39
CA ASP B 113 19.22 12.28 -3.84
C ASP B 113 19.07 10.87 -4.42
N TYR B 114 19.48 9.85 -3.70
CA TYR B 114 19.34 8.48 -4.21
C TYR B 114 18.82 7.58 -3.11
N TRP B 115 17.90 6.70 -3.49
CA TRP B 115 17.20 5.80 -2.58
C TRP B 115 17.38 4.41 -3.11
N GLY B 116 17.47 3.45 -2.23
CA GLY B 116 17.44 2.08 -2.70
C GLY B 116 16.07 1.66 -3.16
N GLN B 117 16.04 0.48 -3.77
CA GLN B 117 14.83 -0.25 -4.18
C GLN B 117 14.00 -0.65 -2.95
N GLY B 118 14.68 -0.77 -1.80
CA GLY B 118 14.06 -1.22 -0.56
C GLY B 118 14.20 -2.74 -0.40
N THR B 119 14.14 -3.19 0.84
CA THR B 119 14.03 -4.58 1.22
C THR B 119 12.78 -4.71 2.12
N THR B 120 11.97 -5.73 1.86
CA THR B 120 10.73 -5.91 2.61
C THR B 120 10.95 -6.79 3.83
N LEU B 121 10.40 -6.41 4.96
CA LEU B 121 10.40 -7.26 6.14
C LEU B 121 8.98 -7.63 6.47
N THR B 122 8.75 -8.93 6.65
CA THR B 122 7.49 -9.44 7.16
C THR B 122 7.70 -10.19 8.47
N VAL B 123 7.01 -9.74 9.52
CA VAL B 123 7.13 -10.36 10.82
C VAL B 123 5.90 -11.25 11.04
N SER B 124 6.15 -12.53 11.22
CA SER B 124 5.10 -13.52 11.46
C SER B 124 5.63 -14.72 12.18
N SER B 125 4.78 -15.34 13.00
CA SER B 125 5.14 -16.60 13.62
C SER B 125 4.80 -17.78 12.70
N ALA B 126 4.22 -17.53 11.52
CA ALA B 126 3.78 -18.61 10.66
C ALA B 126 4.90 -19.42 10.04
N LYS B 127 4.71 -20.72 9.97
CA LYS B 127 5.50 -21.55 9.06
C LYS B 127 4.94 -21.40 7.67
N THR B 128 5.70 -21.85 6.67
CA THR B 128 5.16 -21.86 5.31
C THR B 128 3.83 -22.63 5.35
N THR B 129 2.79 -22.00 4.78
CA THR B 129 1.42 -22.53 4.83
C THR B 129 0.77 -22.26 3.46
N ALA B 130 0.31 -23.32 2.79
CA ALA B 130 -0.39 -23.24 1.53
C ALA B 130 -1.77 -22.62 1.73
N PRO B 131 -2.28 -21.93 0.71
CA PRO B 131 -3.62 -21.31 0.90
C PRO B 131 -4.78 -22.29 0.81
N SER B 132 -5.89 -21.89 1.42
CA SER B 132 -7.14 -22.57 1.14
C SER B 132 -7.80 -21.74 0.10
N VAL B 133 -8.17 -22.34 -1.04
CA VAL B 133 -8.76 -21.60 -2.13
C VAL B 133 -10.24 -21.94 -2.28
N TYR B 134 -11.09 -20.92 -2.23
CA TYR B 134 -12.52 -21.13 -2.19
C TYR B 134 -13.17 -20.42 -3.33
N PRO B 135 -13.97 -21.13 -4.09
CA PRO B 135 -14.78 -20.53 -5.17
C PRO B 135 -15.99 -19.79 -4.64
N LEU B 136 -16.28 -18.62 -5.19
CA LEU B 136 -17.35 -17.80 -4.71
C LEU B 136 -18.38 -17.67 -5.80
N ALA B 137 -19.45 -18.44 -5.68
CA ALA B 137 -20.50 -18.34 -6.67
C ALA B 137 -21.57 -17.36 -6.16
N PRO B 138 -22.32 -16.77 -7.08
CA PRO B 138 -23.39 -15.89 -6.63
C PRO B 138 -24.41 -16.52 -5.70
N VAL B 139 -25.05 -15.64 -4.93
CA VAL B 139 -26.21 -16.00 -4.16
C VAL B 139 -27.24 -16.62 -5.11
N CYS B 140 -27.94 -17.64 -4.64
CA CYS B 140 -28.96 -18.35 -5.44
C CYS B 140 -30.10 -17.46 -5.96
N GLY B 141 -29.76 -16.45 -6.77
CA GLY B 141 -30.71 -15.40 -7.17
C GLY B 141 -30.09 -14.33 -8.06
N ASP B 142 -28.87 -13.91 -7.74
CA ASP B 142 -28.18 -12.79 -8.43
C ASP B 142 -27.47 -13.17 -9.74
N THR B 143 -28.26 -13.75 -10.66
CA THR B 143 -27.89 -13.86 -12.07
C THR B 143 -29.08 -13.37 -12.93
N THR B 144 -29.67 -12.24 -12.50
CA THR B 144 -30.54 -11.41 -13.33
C THR B 144 -29.75 -10.12 -13.60
N GLY B 145 -30.14 -9.38 -14.63
CA GLY B 145 -29.28 -8.30 -15.13
C GLY B 145 -28.32 -8.88 -16.15
N SER B 146 -27.57 -8.02 -16.82
CA SER B 146 -26.81 -8.45 -17.99
C SER B 146 -25.44 -9.07 -17.67
N SER B 147 -24.97 -8.83 -16.45
CA SER B 147 -23.65 -9.32 -16.06
C SER B 147 -23.73 -10.12 -14.77
N VAL B 148 -22.73 -10.97 -14.57
CA VAL B 148 -22.61 -11.77 -13.35
C VAL B 148 -21.17 -11.68 -12.84
N THR B 149 -21.04 -11.59 -11.52
CA THR B 149 -19.71 -11.46 -10.91
C THR B 149 -19.47 -12.68 -10.02
N LEU B 150 -18.31 -13.30 -10.24
CA LEU B 150 -17.85 -14.47 -9.50
C LEU B 150 -16.61 -14.11 -8.77
N GLY B 151 -16.23 -14.90 -7.79
CA GLY B 151 -14.98 -14.62 -7.06
C GLY B 151 -14.22 -15.84 -6.63
N CYS B 152 -13.06 -15.58 -6.04
CA CYS B 152 -12.17 -16.61 -5.57
C CYS B 152 -11.48 -16.03 -4.31
N LEU B 153 -11.54 -16.75 -3.20
CA LEU B 153 -10.96 -16.33 -1.94
C LEU B 153 -9.76 -17.25 -1.64
N VAL B 154 -8.63 -16.61 -1.38
CA VAL B 154 -7.34 -17.30 -1.21
C VAL B 154 -6.90 -16.98 0.21
N LYS B 155 -7.16 -17.90 1.13
CA LYS B 155 -7.12 -17.60 2.53
C LYS B 155 -6.10 -18.44 3.27
N GLY B 156 -5.36 -17.79 4.18
CA GLY B 156 -4.55 -18.45 5.19
C GLY B 156 -3.20 -18.94 4.73
N TYR B 157 -2.52 -18.20 3.87
CA TYR B 157 -1.24 -18.66 3.35
C TYR B 157 -0.12 -17.83 3.92
N PHE B 158 1.07 -18.42 3.85
CA PHE B 158 2.32 -17.72 4.18
C PHE B 158 3.51 -18.40 3.49
N PRO B 159 4.44 -17.61 2.92
CA PRO B 159 4.46 -16.16 2.77
C PRO B 159 3.89 -15.76 1.41
N GLU B 160 4.09 -14.50 1.06
CA GLU B 160 3.80 -13.98 -0.26
C GLU B 160 4.86 -14.48 -1.20
N PRO B 161 4.53 -14.59 -2.50
CA PRO B 161 3.29 -14.27 -3.16
C PRO B 161 2.44 -15.49 -3.52
N VAL B 162 1.23 -15.25 -4.03
CA VAL B 162 0.52 -16.27 -4.82
C VAL B 162 0.34 -15.71 -6.22
N THR B 163 0.17 -16.58 -7.20
CA THR B 163 -0.22 -16.13 -8.52
C THR B 163 -1.66 -16.58 -8.74
N LEU B 164 -2.56 -15.67 -9.12
CA LEU B 164 -3.96 -16.05 -9.40
C LEU B 164 -4.33 -15.68 -10.83
N THR B 165 -4.93 -16.63 -11.54
CA THR B 165 -5.45 -16.36 -12.85
C THR B 165 -6.84 -16.95 -12.92
N TRP B 166 -7.54 -16.57 -13.98
CA TRP B 166 -8.82 -17.14 -14.30
C TRP B 166 -8.73 -17.82 -15.67
N ASN B 167 -9.21 -19.06 -15.75
CA ASN B 167 -9.16 -19.85 -16.97
C ASN B 167 -7.72 -19.79 -17.53
N SER B 168 -6.80 -20.06 -16.61
CA SER B 168 -5.34 -20.09 -16.83
C SER B 168 -4.81 -18.86 -17.53
N GLY B 169 -5.50 -17.73 -17.34
CA GLY B 169 -5.10 -16.46 -17.94
C GLY B 169 -5.87 -16.07 -19.18
N SER B 170 -6.65 -16.99 -19.73
CA SER B 170 -7.47 -16.67 -20.90
C SER B 170 -8.56 -15.63 -20.57
N LEU B 171 -9.06 -15.64 -19.32
CA LEU B 171 -10.02 -14.68 -18.85
C LEU B 171 -9.29 -13.60 -18.07
N SER B 172 -9.07 -12.47 -18.73
CA SER B 172 -8.24 -11.44 -18.16
C SER B 172 -8.93 -10.09 -18.10
N SER B 173 -9.87 -9.82 -18.99
CA SER B 173 -10.66 -8.59 -18.92
C SER B 173 -11.76 -8.77 -17.87
N GLY B 174 -12.12 -7.69 -17.18
CA GLY B 174 -13.18 -7.72 -16.16
C GLY B 174 -12.73 -8.36 -14.85
N VAL B 175 -11.43 -8.53 -14.69
CA VAL B 175 -10.82 -9.09 -13.49
C VAL B 175 -10.35 -8.00 -12.53
N HIS B 176 -10.67 -8.17 -11.24
CA HIS B 176 -9.97 -7.43 -10.20
C HIS B 176 -9.38 -8.35 -9.16
N THR B 177 -8.05 -8.33 -9.03
CA THR B 177 -7.33 -9.19 -8.09
C THR B 177 -6.76 -8.22 -7.06
N PHE B 178 -7.17 -8.38 -5.80
CA PHE B 178 -6.94 -7.41 -4.75
C PHE B 178 -5.64 -7.72 -4.03
N PRO B 179 -4.89 -6.68 -3.64
CA PRO B 179 -3.70 -6.93 -2.83
C PRO B 179 -3.93 -7.77 -1.58
N ALA B 180 -2.98 -8.66 -1.28
CA ALA B 180 -3.01 -9.46 -0.07
C ALA B 180 -2.89 -8.55 1.18
N VAL B 181 -3.55 -8.98 2.25
CA VAL B 181 -3.47 -8.33 3.56
C VAL B 181 -3.02 -9.43 4.57
N LEU B 182 -2.06 -9.06 5.41
CA LEU B 182 -1.59 -9.90 6.51
C LEU B 182 -2.45 -9.69 7.74
N GLN B 183 -2.96 -10.76 8.31
CA GLN B 183 -3.77 -10.65 9.51
C GLN B 183 -3.55 -11.89 10.28
N SER B 184 -3.23 -11.76 11.56
CA SER B 184 -3.07 -12.93 12.40
C SER B 184 -2.08 -13.91 11.76
N ASP B 185 -0.98 -13.34 11.25
CA ASP B 185 0.20 -14.05 10.81
C ASP B 185 0.08 -14.71 9.45
N LEU B 186 -1.11 -14.68 8.87
CA LEU B 186 -1.30 -15.24 7.53
C LEU B 186 -1.88 -14.22 6.54
N TYR B 187 -1.70 -14.51 5.27
CA TYR B 187 -2.26 -13.71 4.17
C TYR B 187 -3.60 -14.19 3.64
N THR B 188 -4.45 -13.21 3.28
CA THR B 188 -5.69 -13.44 2.51
C THR B 188 -5.73 -12.49 1.30
N LEU B 189 -6.16 -13.05 0.15
CA LEU B 189 -6.34 -12.32 -1.10
C LEU B 189 -7.68 -12.79 -1.70
N SER B 190 -8.24 -11.95 -2.56
CA SER B 190 -9.46 -12.23 -3.26
C SER B 190 -9.37 -11.66 -4.65
N SER B 191 -10.18 -12.22 -5.53
CA SER B 191 -10.24 -11.73 -6.88
C SER B 191 -11.64 -11.88 -7.33
N SER B 192 -12.09 -10.95 -8.15
CA SER B 192 -13.40 -11.03 -8.78
C SER B 192 -13.25 -11.07 -10.30
N VAL B 193 -14.18 -11.75 -10.97
CA VAL B 193 -14.31 -11.66 -12.43
C VAL B 193 -15.78 -11.44 -12.84
N THR B 194 -16.00 -10.56 -13.80
CA THR B 194 -17.33 -10.12 -14.17
C THR B 194 -17.45 -10.50 -15.62
N VAL B 195 -18.51 -11.25 -15.95
CA VAL B 195 -18.77 -11.70 -17.34
C VAL B 195 -20.23 -11.40 -17.69
N THR B 196 -20.62 -11.61 -18.93
CA THR B 196 -22.02 -11.46 -19.27
C THR B 196 -22.84 -12.62 -18.70
N SER B 197 -24.11 -12.32 -18.38
CA SER B 197 -24.97 -13.31 -17.75
C SER B 197 -25.10 -14.58 -18.56
N SER B 198 -24.91 -14.47 -19.88
CA SER B 198 -25.00 -15.61 -20.77
C SER B 198 -23.66 -16.38 -20.88
N THR B 199 -22.61 -15.90 -20.23
CA THR B 199 -21.33 -16.61 -20.23
C THR B 199 -21.33 -17.67 -19.14
N TRP B 200 -21.95 -17.38 -17.99
CA TRP B 200 -21.89 -18.28 -16.87
C TRP B 200 -23.27 -18.45 -16.28
N PRO B 201 -23.64 -19.68 -15.85
CA PRO B 201 -22.77 -20.87 -15.77
C PRO B 201 -22.62 -21.72 -17.04
N SER B 202 -23.07 -21.22 -18.20
CA SER B 202 -23.09 -22.05 -19.40
C SER B 202 -21.67 -22.49 -19.70
N GLU B 203 -20.71 -21.59 -19.50
CA GLU B 203 -19.27 -21.86 -19.67
C GLU B 203 -18.52 -21.93 -18.34
N SER B 204 -17.47 -22.75 -18.37
CA SER B 204 -16.64 -23.11 -17.25
C SER B 204 -15.75 -21.94 -16.92
N ILE B 205 -15.73 -21.55 -15.66
CA ILE B 205 -14.86 -20.49 -15.17
C ILE B 205 -14.20 -21.03 -13.91
N THR B 206 -12.86 -21.07 -13.93
CA THR B 206 -12.06 -21.68 -12.89
C THR B 206 -11.03 -20.69 -12.42
N CYS B 207 -10.89 -20.57 -11.09
CA CYS B 207 -9.84 -19.83 -10.41
C CYS B 207 -8.60 -20.74 -10.33
N ASN B 208 -7.45 -20.24 -10.79
CA ASN B 208 -6.15 -20.95 -10.67
C ASN B 208 -5.18 -20.25 -9.71
N VAL B 209 -4.79 -20.95 -8.66
CA VAL B 209 -3.94 -20.35 -7.62
C VAL B 209 -2.66 -21.15 -7.40
N ALA B 210 -1.54 -20.47 -7.60
CA ALA B 210 -0.22 -21.07 -7.36
C ALA B 210 0.40 -20.42 -6.14
N HIS B 211 0.98 -21.22 -5.24
CA HIS B 211 1.78 -20.70 -4.15
C HIS B 211 3.19 -21.31 -4.21
N PRO B 212 4.15 -20.60 -4.83
CA PRO B 212 5.52 -21.08 -4.99
C PRO B 212 6.13 -21.64 -3.71
N ALA B 213 6.04 -20.91 -2.60
CA ALA B 213 6.69 -21.35 -1.36
C ALA B 213 6.28 -22.75 -0.94
N SER B 214 5.01 -23.09 -1.07
CA SER B 214 4.54 -24.40 -0.63
C SER B 214 4.52 -25.42 -1.77
N SER B 215 5.05 -25.03 -2.94
CA SER B 215 5.06 -25.83 -4.18
C SER B 215 3.66 -26.32 -4.65
N THR B 216 2.63 -25.51 -4.38
CA THR B 216 1.25 -25.90 -4.64
C THR B 216 0.58 -25.07 -5.73
N LYS B 217 -0.31 -25.75 -6.45
CA LYS B 217 -1.06 -25.21 -7.57
C LYS B 217 -2.44 -25.89 -7.44
N VAL B 218 -3.51 -25.11 -7.25
CA VAL B 218 -4.85 -25.67 -7.22
C VAL B 218 -5.78 -24.91 -8.19
N ASP B 219 -6.75 -25.63 -8.73
CA ASP B 219 -7.81 -25.05 -9.54
C ASP B 219 -9.14 -25.18 -8.79
N LYS B 220 -9.97 -24.15 -8.84
CA LYS B 220 -11.31 -24.20 -8.26
C LYS B 220 -12.26 -23.69 -9.30
N LYS B 221 -13.07 -24.59 -9.81
CA LYS B 221 -14.15 -24.24 -10.69
C LYS B 221 -15.24 -23.51 -9.90
N ILE B 222 -15.76 -22.43 -10.45
CA ILE B 222 -16.93 -21.78 -9.83
C ILE B 222 -18.23 -22.52 -10.28
N VAL B 223 -18.94 -23.10 -9.34
CA VAL B 223 -20.16 -23.79 -9.64
C VAL B 223 -21.35 -23.11 -8.98
N PRO B 224 -22.50 -23.13 -9.68
CA PRO B 224 -23.79 -22.71 -9.18
C PRO B 224 -24.12 -23.37 -7.85
N ARG B 225 -24.69 -22.59 -6.94
CA ARG B 225 -25.10 -23.11 -5.64
C ARG B 225 -26.47 -23.76 -5.79
NA NA C . 31.27 14.63 14.48
#